data_9CBA
#
_entry.id   9CBA
#
_entity_poly.entity_id   1
_entity_poly.type   'polypeptide(L)'
_entity_poly.pdbx_seq_one_letter_code
;MAEYQDKVVDVEVSLGTQPIDTVGFETPMFLAMHGNFPERIRFYVSTAGMVADGFAVGSPAYQFATNAFAGNFAPQRVAI
GRMSIDSSKVDFTGTTNTEQVVVNITLNKVVKAVKINVLPGNTPAQIATALADAVTADADLTGKATAVATGTYVTVTAVS
PNVVSVGKGAGVYKIVNESSETVATVLPSVIAENHNWYFLATEARSDADIVAAAEFAKANYKLHIYNSTDVDAYAPENSA
ASVFDTLKSLSYDSLGTSDAGADVDFTEGSVIGAMAANDPSYGDSLHLKTMPGMVPFAGSDTQRSNAWSRNANIYRGLYG
GGSYIEGKTSSGQYVDVIRFSHWVKFRMEESVFAYMKRRSDMGLSMKMSDEDLPVLKSVLMNNPINIGIRNGGILTGYDT
ENKVSYDPTIIIPKRANIPTNDLAARILRDVKVELVYNNSLHYVKIRASVVLDRPAGQSTNAQTPMSSSAVGV
;
_entity_poly.pdbx_strand_id   A
#
# COMPACT_ATOMS: atom_id res chain seq x y z
N TYR A 4 -58.58 23.82 -14.34
CA TYR A 4 -58.09 24.75 -15.42
C TYR A 4 -56.66 24.42 -15.82
N GLN A 5 -56.34 24.64 -17.09
CA GLN A 5 -55.00 24.41 -17.60
C GLN A 5 -54.60 25.58 -18.48
N ASP A 6 -53.29 25.87 -18.51
CA ASP A 6 -52.77 27.05 -19.17
C ASP A 6 -51.92 26.75 -20.39
N LYS A 7 -51.76 25.49 -20.79
CA LYS A 7 -50.97 25.14 -21.95
C LYS A 7 -51.74 24.17 -22.84
N VAL A 8 -51.74 24.45 -24.14
CA VAL A 8 -52.33 23.51 -25.08
C VAL A 8 -51.53 22.22 -25.11
N VAL A 9 -50.21 22.29 -24.99
CA VAL A 9 -49.35 21.12 -24.91
C VAL A 9 -48.33 21.35 -23.81
N ASP A 10 -48.12 20.30 -23.01
CA ASP A 10 -47.14 20.35 -21.93
C ASP A 10 -46.31 19.08 -21.96
N VAL A 11 -45.00 19.24 -21.75
CA VAL A 11 -44.06 18.12 -21.83
C VAL A 11 -43.13 18.12 -20.62
N GLU A 12 -43.05 16.98 -19.95
CA GLU A 12 -42.08 16.82 -18.87
C GLU A 12 -40.88 16.02 -19.38
N VAL A 13 -39.69 16.43 -18.92
CA VAL A 13 -38.46 15.75 -19.28
C VAL A 13 -37.63 15.52 -18.02
N SER A 14 -37.21 14.27 -17.82
CA SER A 14 -36.45 13.88 -16.64
C SER A 14 -35.20 13.13 -17.08
N LEU A 15 -34.08 13.45 -16.43
CA LEU A 15 -32.79 12.90 -16.80
C LEU A 15 -32.35 11.89 -15.74
N GLY A 16 -32.18 10.65 -16.15
CA GLY A 16 -31.69 9.60 -15.27
C GLY A 16 -30.25 9.25 -15.53
N THR A 17 -29.41 10.26 -15.78
CA THR A 17 -28.00 10.07 -16.10
C THR A 17 -27.07 10.65 -15.04
N GLN A 18 -27.55 10.80 -13.80
CA GLN A 18 -26.74 11.42 -12.77
C GLN A 18 -25.51 10.56 -12.49
N PRO A 19 -24.29 11.10 -12.61
CA PRO A 19 -23.11 10.35 -12.17
C PRO A 19 -23.03 10.26 -10.66
N ILE A 20 -22.22 9.31 -10.20
CA ILE A 20 -22.07 9.03 -8.77
C ILE A 20 -20.60 8.85 -8.44
N ASP A 21 -20.22 9.34 -7.26
CA ASP A 21 -18.84 9.19 -6.81
C ASP A 21 -18.50 7.73 -6.56
N THR A 22 -17.25 7.37 -6.82
CA THR A 22 -16.79 6.00 -6.70
C THR A 22 -15.41 5.98 -6.04
N VAL A 23 -15.07 4.85 -5.44
CA VAL A 23 -13.77 4.68 -4.79
C VAL A 23 -12.81 3.99 -5.76
N GLY A 24 -11.52 4.29 -5.61
CA GLY A 24 -10.50 3.73 -6.48
C GLY A 24 -9.38 3.06 -5.72
N PHE A 25 -9.11 1.79 -6.03
CA PHE A 25 -8.08 1.02 -5.32
C PHE A 25 -6.72 1.08 -6.00
N GLU A 26 -6.20 2.26 -6.32
CA GLU A 26 -4.91 2.37 -6.98
C GLU A 26 -3.91 3.21 -6.19
N THR A 27 -4.30 4.42 -5.85
CA THR A 27 -3.33 5.42 -5.39
C THR A 27 -2.79 5.04 -4.01
N PRO A 28 -1.47 4.95 -3.83
CA PRO A 28 -0.91 4.72 -2.50
C PRO A 28 -0.59 6.02 -1.79
N MET A 29 -0.18 5.89 -0.54
CA MET A 29 0.31 7.01 0.26
C MET A 29 1.59 6.64 0.97
N PHE A 30 2.49 7.61 1.08
CA PHE A 30 3.69 7.51 1.88
C PHE A 30 3.72 8.68 2.86
N LEU A 31 3.84 8.39 4.14
CA LEU A 31 3.77 9.40 5.20
C LEU A 31 5.19 9.76 5.63
N ALA A 32 5.74 10.81 5.02
CA ALA A 32 7.12 11.20 5.24
C ALA A 32 7.22 12.31 6.28
N MET A 33 8.46 12.73 6.55
CA MET A 33 8.76 13.81 7.47
C MET A 33 9.45 14.93 6.70
N HIS A 34 8.87 16.12 6.72
CA HIS A 34 9.44 17.26 6.01
C HIS A 34 8.61 18.49 6.32
N GLY A 35 9.04 19.62 5.75
CA GLY A 35 8.29 20.85 5.80
C GLY A 35 8.18 21.58 4.48
N ASN A 36 8.28 20.88 3.35
CA ASN A 36 8.36 21.53 2.06
C ASN A 36 7.10 22.28 1.69
N PHE A 37 5.92 21.74 1.96
CA PHE A 37 4.66 22.37 1.58
C PHE A 37 3.76 22.43 2.80
N PRO A 38 2.85 23.41 2.85
CA PRO A 38 2.05 23.60 4.06
C PRO A 38 0.90 22.60 4.23
N GLU A 39 0.25 22.22 3.12
CA GLU A 39 -0.89 21.33 3.24
C GLU A 39 -0.42 19.94 3.66
N ARG A 40 -1.38 19.04 3.87
CA ARG A 40 -1.09 17.73 4.43
C ARG A 40 -0.85 16.66 3.38
N ILE A 41 -1.34 16.83 2.16
CA ILE A 41 -1.19 15.83 1.11
C ILE A 41 -0.89 16.53 -0.21
N ARG A 42 -0.02 15.93 -1.01
CA ARG A 42 0.27 16.35 -2.37
C ARG A 42 0.33 15.13 -3.26
N PHE A 43 -0.21 15.25 -4.47
CA PHE A 43 -0.20 14.18 -5.45
C PHE A 43 0.84 14.49 -6.51
N TYR A 44 1.56 13.47 -6.96
CA TYR A 44 2.59 13.61 -7.96
C TYR A 44 2.44 12.54 -9.03
N VAL A 45 2.79 12.88 -10.27
CA VAL A 45 2.74 11.92 -11.37
C VAL A 45 4.12 11.50 -11.84
N SER A 46 5.18 12.07 -11.28
CA SER A 46 6.54 11.70 -11.65
C SER A 46 7.49 12.31 -10.64
N THR A 47 8.71 11.76 -10.59
CA THR A 47 9.71 12.27 -9.66
C THR A 47 10.14 13.67 -10.03
N ALA A 48 10.06 14.02 -11.32
CA ALA A 48 10.44 15.36 -11.74
C ALA A 48 9.58 16.42 -11.07
N GLY A 49 8.30 16.10 -10.82
CA GLY A 49 7.46 17.01 -10.07
C GLY A 49 7.91 17.15 -8.62
N MET A 50 8.29 16.05 -7.99
CA MET A 50 8.75 16.12 -6.60
C MET A 50 10.02 16.96 -6.49
N VAL A 51 10.97 16.77 -7.41
CA VAL A 51 12.21 17.54 -7.34
C VAL A 51 11.92 19.02 -7.46
N ALA A 52 10.84 19.40 -8.14
CA ALA A 52 10.50 20.82 -8.23
C ALA A 52 10.14 21.40 -6.88
N ASP A 53 9.40 20.64 -6.06
CA ASP A 53 8.96 21.15 -4.77
C ASP A 53 10.10 21.24 -3.76
N GLY A 54 11.25 20.67 -4.06
CA GLY A 54 12.40 20.77 -3.19
C GLY A 54 12.77 19.51 -2.44
N PHE A 55 12.28 18.35 -2.85
CA PHE A 55 12.70 17.11 -2.23
C PHE A 55 14.11 16.75 -2.67
N ALA A 56 14.98 16.51 -1.70
CA ALA A 56 16.37 16.17 -2.01
C ALA A 56 16.45 14.81 -2.67
N VAL A 57 17.26 14.72 -3.72
CA VAL A 57 17.42 13.45 -4.43
C VAL A 57 17.97 12.41 -3.47
N GLY A 58 17.40 11.21 -3.52
CA GLY A 58 17.80 10.18 -2.59
C GLY A 58 17.14 10.26 -1.23
N SER A 59 16.26 11.23 -1.03
CA SER A 59 15.54 11.34 0.23
C SER A 59 14.47 10.26 0.30
N PRO A 60 13.99 9.95 1.51
CA PRO A 60 13.03 8.84 1.65
C PRO A 60 11.85 8.94 0.69
N ALA A 61 11.22 10.11 0.60
CA ALA A 61 10.07 10.25 -0.30
C ALA A 61 10.47 10.00 -1.75
N TYR A 62 11.62 10.54 -2.16
CA TYR A 62 12.07 10.33 -3.53
C TYR A 62 12.35 8.85 -3.79
N GLN A 63 12.96 8.17 -2.82
CA GLN A 63 13.22 6.74 -2.98
C GLN A 63 11.92 5.97 -3.15
N PHE A 64 10.94 6.27 -2.30
CA PHE A 64 9.65 5.58 -2.40
C PHE A 64 9.01 5.82 -3.76
N ALA A 65 9.01 7.08 -4.21
CA ALA A 65 8.41 7.38 -5.49
C ALA A 65 9.10 6.68 -6.64
N THR A 66 10.44 6.67 -6.65
CA THR A 66 11.16 6.02 -7.73
C THR A 66 10.88 4.53 -7.74
N ASN A 67 10.91 3.89 -6.57
CA ASN A 67 10.64 2.46 -6.52
C ASN A 67 9.22 2.16 -6.99
N ALA A 68 8.25 2.98 -6.58
CA ALA A 68 6.88 2.74 -7.00
C ALA A 68 6.71 2.88 -8.51
N PHE A 69 7.33 3.91 -9.09
CA PHE A 69 7.16 4.15 -10.52
C PHE A 69 7.94 3.17 -11.38
N ALA A 70 9.00 2.57 -10.84
CA ALA A 70 9.82 1.66 -11.65
C ALA A 70 9.12 0.34 -11.93
N GLY A 71 8.06 0.01 -11.20
CA GLY A 71 7.47 -1.31 -11.29
C GLY A 71 6.76 -1.54 -12.61
N ASN A 72 6.41 -2.81 -12.85
CA ASN A 72 5.67 -3.19 -14.05
C ASN A 72 4.26 -2.63 -14.05
N PHE A 73 3.60 -2.59 -12.90
CA PHE A 73 2.23 -2.13 -12.75
C PHE A 73 2.19 -0.85 -11.94
N ALA A 74 3.11 0.05 -12.24
CA ALA A 74 3.29 1.24 -11.43
C ALA A 74 1.99 2.02 -11.32
N PRO A 75 1.67 2.58 -10.16
CA PRO A 75 0.43 3.36 -10.05
C PRO A 75 0.50 4.63 -10.88
N GLN A 76 -0.67 5.13 -11.27
CA GLN A 76 -0.70 6.34 -12.10
C GLN A 76 -0.10 7.53 -11.38
N ARG A 77 -0.39 7.70 -10.09
CA ARG A 77 0.14 8.82 -9.32
C ARG A 77 0.13 8.45 -7.85
N VAL A 78 1.12 8.96 -7.12
CA VAL A 78 1.32 8.64 -5.72
C VAL A 78 1.11 9.90 -4.89
N ALA A 79 0.76 9.70 -3.62
CA ALA A 79 0.50 10.81 -2.71
C ALA A 79 1.53 10.81 -1.60
N ILE A 80 1.89 12.00 -1.11
CA ILE A 80 2.89 12.16 -0.06
C ILE A 80 2.23 12.87 1.11
N GLY A 81 2.42 12.32 2.32
CA GLY A 81 1.93 12.94 3.53
C GLY A 81 2.85 14.03 4.01
N ARG A 82 2.71 14.38 5.29
CA ARG A 82 3.57 15.38 5.91
C ARG A 82 3.46 15.27 7.42
N MET A 83 4.61 15.15 8.09
CA MET A 83 4.71 15.30 9.54
C MET A 83 5.81 16.32 9.82
N SER A 84 5.62 17.10 10.88
CA SER A 84 6.58 18.16 11.20
C SER A 84 7.95 17.54 11.47
N ILE A 85 8.96 18.01 10.73
CA ILE A 85 10.31 17.50 10.92
C ILE A 85 11.02 18.32 11.99
N ASP A 86 11.95 17.66 12.70
CA ASP A 86 12.69 18.31 13.77
C ASP A 86 14.17 18.39 13.43
N SER A 87 14.77 17.26 13.08
CA SER A 87 16.18 17.21 12.72
C SER A 87 16.46 15.94 11.95
N SER A 88 17.52 15.97 11.16
CA SER A 88 17.95 14.82 10.36
C SER A 88 19.21 14.26 10.96
N LYS A 89 19.23 12.93 11.15
CA LYS A 89 20.34 12.23 11.77
C LYS A 89 21.02 11.35 10.74
N VAL A 90 22.31 11.58 10.51
CA VAL A 90 23.10 10.78 9.59
C VAL A 90 24.00 9.87 10.41
N ASP A 91 23.85 8.56 10.21
CA ASP A 91 24.47 7.56 11.08
C ASP A 91 25.51 6.77 10.30
N PHE A 92 26.74 6.74 10.83
CA PHE A 92 27.78 5.86 10.32
C PHE A 92 28.06 4.70 11.27
N THR A 93 27.26 4.56 12.33
CA THR A 93 27.50 3.52 13.32
C THR A 93 27.47 2.15 12.67
N GLY A 94 28.52 1.35 12.91
CA GLY A 94 28.58 0.00 12.42
C GLY A 94 28.91 -0.14 10.94
N THR A 95 29.23 0.95 10.25
CA THR A 95 29.49 0.91 8.83
C THR A 95 30.99 1.02 8.55
N THR A 96 31.36 0.67 7.32
CA THR A 96 32.73 0.79 6.84
C THR A 96 32.72 1.39 5.44
N ASN A 97 33.59 2.36 5.22
CA ASN A 97 33.64 3.07 3.95
C ASN A 97 35.07 3.15 3.47
N THR A 98 35.24 3.16 2.15
CA THR A 98 36.54 3.22 1.52
C THR A 98 36.64 4.19 0.36
N GLU A 99 35.55 4.83 -0.05
CA GLU A 99 35.56 5.70 -1.21
C GLU A 99 34.86 7.01 -0.84
N GLN A 100 34.66 7.88 -1.81
CA GLN A 100 34.03 9.18 -1.58
C GLN A 100 32.65 8.97 -0.98
N VAL A 101 32.44 9.54 0.21
CA VAL A 101 31.10 9.57 0.79
C VAL A 101 30.42 10.88 0.40
N VAL A 102 29.23 10.78 -0.16
CA VAL A 102 28.51 11.94 -0.69
C VAL A 102 27.13 12.00 -0.05
N VAL A 103 26.75 13.20 0.38
CA VAL A 103 25.44 13.45 0.96
C VAL A 103 24.82 14.63 0.23
N ASN A 104 23.59 14.44 -0.27
CA ASN A 104 22.90 15.50 -0.98
C ASN A 104 22.09 16.35 -0.02
N ILE A 105 22.30 17.66 -0.07
CA ILE A 105 21.60 18.61 0.79
C ILE A 105 20.94 19.64 -0.12
N THR A 106 19.62 19.79 0.01
CA THR A 106 18.86 20.78 -0.75
C THR A 106 18.31 21.81 0.21
N LEU A 107 18.59 23.09 -0.06
CA LEU A 107 18.22 24.18 0.82
C LEU A 107 17.51 25.26 0.02
N ASN A 108 16.26 25.55 0.40
CA ASN A 108 15.47 26.58 -0.27
C ASN A 108 15.56 26.46 -1.79
N LYS A 109 15.31 25.25 -2.28
CA LYS A 109 15.37 24.97 -3.71
C LYS A 109 16.75 25.28 -4.29
N VAL A 110 17.80 24.98 -3.53
CA VAL A 110 19.17 25.04 -4.01
C VAL A 110 19.83 23.70 -3.69
N VAL A 111 20.46 23.09 -4.69
CA VAL A 111 20.96 21.73 -4.60
C VAL A 111 22.48 21.78 -4.44
N LYS A 112 22.98 21.04 -3.45
CA LYS A 112 24.41 20.91 -3.23
C LYS A 112 24.72 19.47 -2.82
N ALA A 113 25.96 19.07 -3.07
CA ALA A 113 26.45 17.74 -2.74
C ALA A 113 27.73 17.88 -1.93
N VAL A 114 27.70 17.42 -0.69
CA VAL A 114 28.89 17.45 0.16
C VAL A 114 29.74 16.21 -0.13
N LYS A 115 31.03 16.41 -0.33
CA LYS A 115 31.95 15.35 -0.70
C LYS A 115 32.99 15.17 0.39
N ILE A 116 33.21 13.92 0.81
CA ILE A 116 34.21 13.57 1.81
C ILE A 116 35.11 12.50 1.21
N ASN A 117 36.42 12.74 1.24
CA ASN A 117 37.39 11.81 0.69
C ASN A 117 37.88 10.89 1.80
N VAL A 118 37.29 9.70 1.88
CA VAL A 118 37.69 8.73 2.89
C VAL A 118 38.90 7.95 2.39
N LEU A 119 39.96 7.92 3.21
CA LEU A 119 41.17 7.23 2.85
C LEU A 119 40.92 5.73 2.67
N GLY A 121 42.10 3.89 5.45
CA GLY A 121 41.09 3.37 6.42
C GLY A 121 40.83 4.31 7.57
N ASN A 122 39.62 4.86 7.61
CA ASN A 122 39.22 5.81 8.64
C ASN A 122 38.07 5.23 9.44
N THR A 123 38.13 5.40 10.77
CA THR A 123 37.05 4.94 11.62
C THR A 123 35.81 5.82 11.40
N PRO A 124 34.63 5.32 11.76
CA PRO A 124 33.40 6.12 11.54
C PRO A 124 33.46 7.49 12.19
N ALA A 125 34.07 7.61 13.37
CA ALA A 125 34.12 8.91 14.05
C ALA A 125 34.85 9.94 13.21
N GLN A 126 35.95 9.55 12.58
CA GLN A 126 36.69 10.47 11.73
C GLN A 126 35.84 10.94 10.56
N ILE A 127 35.10 10.02 9.93
CA ILE A 127 34.25 10.39 8.80
C ILE A 127 33.17 11.36 9.27
N ALA A 128 32.57 11.09 10.43
CA ALA A 128 31.54 11.97 10.95
C ALA A 128 32.09 13.37 11.21
N THR A 129 33.27 13.45 11.82
CA THR A 129 33.87 14.75 12.09
C THR A 129 34.16 15.48 10.79
N ALA A 130 34.69 14.77 9.80
CA ALA A 130 34.99 15.40 8.52
C ALA A 130 33.72 15.92 7.85
N LEU A 131 32.63 15.13 7.89
CA LEU A 131 31.38 15.58 7.30
C LEU A 131 30.85 16.83 8.00
N ALA A 132 30.91 16.83 9.34
CA ALA A 132 30.44 18.01 10.07
C ALA A 132 31.27 19.23 9.70
N ASP A 133 32.58 19.08 9.64
CA ASP A 133 33.45 20.21 9.30
C ASP A 133 33.15 20.70 7.88
N ALA A 134 32.98 19.78 6.94
CA ALA A 134 32.69 20.18 5.56
C ALA A 134 31.36 20.93 5.48
N VAL A 135 30.33 20.44 6.18
CA VAL A 135 29.04 21.11 6.15
C VAL A 135 29.16 22.50 6.76
N THR A 136 29.84 22.61 7.90
CA THR A 136 29.97 23.90 8.56
C THR A 136 30.81 24.88 7.77
N ALA A 137 31.76 24.40 6.96
CA ALA A 137 32.64 25.29 6.21
C ALA A 137 32.05 25.75 4.89
N ASP A 138 30.89 25.22 4.50
CA ASP A 138 30.27 25.58 3.23
C ASP A 138 29.70 27.00 3.33
N ALA A 139 29.97 27.82 2.32
CA ALA A 139 29.55 29.22 2.37
C ALA A 139 28.04 29.38 2.31
N ASP A 140 27.34 28.51 1.57
CA ASP A 140 25.91 28.66 1.36
C ASP A 140 25.07 27.98 2.45
N LEU A 141 25.72 27.43 3.47
CA LEU A 141 25.00 26.78 4.57
C LEU A 141 25.19 27.47 5.91
N THR A 142 26.24 28.28 6.07
CA THR A 142 26.41 29.04 7.30
C THR A 142 25.24 29.97 7.50
N GLY A 143 24.69 29.98 8.72
CA GLY A 143 23.55 30.81 9.03
C GLY A 143 22.23 30.28 8.55
N LYS A 144 22.21 29.10 7.94
CA LYS A 144 20.98 28.48 7.44
C LYS A 144 20.80 27.06 7.95
N ALA A 145 21.88 26.30 8.09
CA ALA A 145 21.82 24.94 8.62
C ALA A 145 22.97 24.74 9.59
N THR A 146 22.80 23.78 10.49
CA THR A 146 23.81 23.49 11.50
C THR A 146 24.04 21.99 11.57
N ALA A 147 25.30 21.59 11.67
CA ALA A 147 25.69 20.19 11.77
C ALA A 147 26.65 20.03 12.94
N VAL A 148 26.37 19.05 13.79
CA VAL A 148 27.19 18.77 14.97
C VAL A 148 27.56 17.30 14.95
N ALA A 149 28.86 17.02 14.97
CA ALA A 149 29.33 15.65 15.01
C ALA A 149 29.39 15.15 16.44
N THR A 150 29.09 13.87 16.62
CA THR A 150 29.16 13.25 17.94
C THR A 150 29.10 11.74 17.76
N GLY A 151 30.02 11.04 18.41
CA GLY A 151 30.06 9.59 18.27
C GLY A 151 30.24 9.21 16.82
N THR A 152 29.41 8.29 16.35
CA THR A 152 29.49 7.80 14.98
C THR A 152 28.46 8.43 14.06
N TYR A 153 27.73 9.45 14.50
CA TYR A 153 26.65 10.02 13.72
C TYR A 153 26.72 11.53 13.77
N VAL A 154 26.15 12.16 12.75
CA VAL A 154 26.08 13.60 12.62
C VAL A 154 24.63 14.03 12.53
N THR A 155 24.26 15.02 13.32
CA THR A 155 22.89 15.54 13.35
C THR A 155 22.84 16.88 12.64
N VAL A 156 21.87 17.03 11.74
CA VAL A 156 21.72 18.24 10.94
C VAL A 156 20.39 18.88 11.26
N THR A 157 20.42 20.18 11.53
CA THR A 157 19.22 20.93 11.86
C THR A 157 19.16 22.19 11.01
N ALA A 158 17.95 22.57 10.63
CA ALA A 158 17.75 23.75 9.80
C ALA A 158 17.35 24.94 10.66
N VAL A 159 17.96 26.08 10.37
CA VAL A 159 17.63 27.33 11.06
C VAL A 159 16.39 27.90 10.39
N SER A 160 15.30 28.01 11.15
CA SER A 160 14.05 28.47 10.57
C SER A 160 14.20 29.91 10.09
N PRO A 161 13.41 30.36 9.10
CA PRO A 161 12.38 29.60 8.40
C PRO A 161 12.91 28.76 7.23
N ASN A 162 14.21 28.58 7.16
CA ASN A 162 14.80 27.84 6.05
C ASN A 162 14.35 26.39 6.06
N VAL A 163 14.35 25.79 4.87
CA VAL A 163 13.95 24.39 4.69
C VAL A 163 15.16 23.61 4.21
N VAL A 164 15.43 22.47 4.85
CA VAL A 164 16.56 21.62 4.54
C VAL A 164 16.07 20.20 4.31
N SER A 165 16.55 19.57 3.24
CA SER A 165 16.26 18.18 2.96
C SER A 165 17.57 17.45 2.71
N VAL A 166 17.70 16.26 3.28
CA VAL A 166 18.94 15.48 3.23
C VAL A 166 18.66 14.17 2.51
N GLY A 167 19.58 13.78 1.64
CA GLY A 167 19.41 12.57 0.85
C GLY A 167 20.72 11.84 0.69
N LYS A 168 20.62 10.63 0.15
CA LYS A 168 21.77 9.74 0.04
C LYS A 168 22.62 10.05 -1.19
N GLY A 169 23.92 9.78 -1.07
CA GLY A 169 24.83 9.74 -2.18
C GLY A 169 25.64 8.46 -2.14
N ALA A 170 26.87 8.49 -2.65
CA ALA A 170 27.73 7.33 -2.53
C ALA A 170 28.15 7.13 -1.08
N GLY A 171 28.30 5.87 -0.69
CA GLY A 171 28.74 5.54 0.65
C GLY A 171 27.77 4.63 1.39
N VAL A 172 28.21 4.10 2.53
CA VAL A 172 27.39 3.20 3.35
C VAL A 172 26.99 3.95 4.60
N TYR A 173 25.69 4.26 4.70
CA TYR A 173 25.14 4.92 5.88
C TYR A 173 23.63 4.97 5.73
N LYS A 174 22.97 5.55 6.73
CA LYS A 174 21.51 5.63 6.74
C LYS A 174 21.08 7.00 7.26
N ILE A 175 19.87 7.39 6.88
CA ILE A 175 19.28 8.66 7.27
C ILE A 175 18.13 8.39 8.22
N VAL A 176 18.13 9.06 9.37
CA VAL A 176 17.07 8.95 10.36
C VAL A 176 16.57 10.35 10.69
N ASN A 177 15.25 10.53 10.65
CA ASN A 177 14.62 11.80 10.91
C ASN A 177 13.74 11.72 12.15
N GLU A 178 13.91 12.67 13.06
CA GLU A 178 13.04 12.79 14.21
C GLU A 178 11.85 13.67 13.87
N SER A 179 10.87 13.70 14.77
CA SER A 179 9.66 14.48 14.54
C SER A 179 9.00 14.78 15.86
N SER A 180 8.41 15.97 15.97
CA SER A 180 7.67 16.35 17.16
C SER A 180 6.27 15.76 17.19
N GLU A 181 5.83 15.12 16.12
CA GLU A 181 4.54 14.47 16.05
C GLU A 181 4.72 12.96 16.03
N THR A 182 3.59 12.25 15.89
CA THR A 182 3.60 10.80 15.79
C THR A 182 2.56 10.36 14.77
N VAL A 183 2.75 9.17 14.21
CA VAL A 183 1.87 8.69 13.16
C VAL A 183 0.43 8.62 13.68
N ALA A 184 0.25 8.15 14.91
CA ALA A 184 -1.09 8.01 15.45
C ALA A 184 -1.83 9.34 15.51
N THR A 185 -1.15 10.41 15.92
CA THR A 185 -1.78 11.72 16.03
C THR A 185 -1.88 12.44 14.70
N VAL A 186 -1.16 11.98 13.67
CA VAL A 186 -1.15 12.67 12.39
C VAL A 186 -2.16 12.06 11.43
N LEU A 187 -2.29 10.73 11.44
CA LEU A 187 -3.12 10.08 10.44
C LEU A 187 -4.54 10.64 10.34
N PRO A 188 -5.26 10.89 11.43
CA PRO A 188 -6.64 11.39 11.28
C PRO A 188 -6.74 12.66 10.44
N SER A 189 -5.80 13.59 10.61
CA SER A 189 -5.86 14.83 9.84
C SER A 189 -5.71 14.56 8.35
N VAL A 190 -4.78 13.67 7.98
CA VAL A 190 -4.55 13.38 6.57
C VAL A 190 -5.82 12.82 5.93
N ILE A 191 -6.40 11.79 6.53
CA ILE A 191 -7.60 11.20 5.95
C ILE A 191 -8.72 12.22 5.94
N ALA A 192 -8.79 13.08 6.96
CA ALA A 192 -9.82 14.11 6.95
C ALA A 192 -9.67 15.04 5.76
N GLU A 193 -8.44 15.41 5.41
CA GLU A 193 -8.25 16.37 4.32
C GLU A 193 -8.56 15.76 2.96
N ASN A 194 -8.09 14.53 2.71
CA ASN A 194 -8.31 13.89 1.41
C ASN A 194 -8.29 12.39 1.61
N HIS A 195 -9.33 11.72 1.13
CA HIS A 195 -9.50 10.29 1.34
C HIS A 195 -9.35 9.46 0.06
N ASN A 196 -8.65 9.98 -0.95
CA ASN A 196 -8.52 9.28 -2.22
C ASN A 196 -7.17 8.54 -2.30
N TRP A 197 -7.05 7.52 -1.45
CA TRP A 197 -5.89 6.63 -1.50
C TRP A 197 -6.25 5.33 -0.80
N TYR A 198 -5.52 4.29 -1.14
CA TYR A 198 -5.85 2.95 -0.64
C TYR A 198 -4.71 2.25 0.05
N PHE A 199 -3.48 2.39 -0.42
CA PHE A 199 -2.31 1.78 0.20
C PHE A 199 -1.69 2.76 1.17
N LEU A 200 -1.41 2.30 2.39
CA LEU A 200 -0.85 3.14 3.43
C LEU A 200 0.55 2.64 3.76
N ALA A 201 1.54 3.50 3.60
CA ALA A 201 2.92 3.20 3.97
C ALA A 201 3.46 4.35 4.80
N THR A 202 4.44 4.05 5.65
CA THR A 202 4.92 5.02 6.62
C THR A 202 6.44 5.01 6.66
N GLU A 203 7.01 6.15 7.06
CA GLU A 203 8.45 6.24 7.23
C GLU A 203 8.88 5.85 8.65
N ALA A 204 8.00 6.07 9.64
CA ALA A 204 8.30 5.69 11.02
C ALA A 204 8.58 4.19 11.06
N ARG A 205 9.72 3.82 11.65
CA ARG A 205 10.17 2.44 11.52
C ARG A 205 9.95 1.62 12.79
N SER A 206 9.66 2.25 13.92
CA SER A 206 9.75 1.61 15.22
C SER A 206 8.38 1.18 15.73
N ASP A 207 8.11 -0.12 15.63
CA ASP A 207 7.10 -0.78 16.46
C ASP A 207 5.78 -0.01 16.52
N ALA A 208 5.57 0.74 17.61
CA ALA A 208 4.27 1.36 17.84
C ALA A 208 3.81 2.17 16.63
N ASP A 209 4.74 2.80 15.93
CA ASP A 209 4.36 3.49 14.69
C ASP A 209 3.75 2.53 13.68
N ILE A 210 4.19 1.28 13.67
CA ILE A 210 3.63 0.29 12.76
C ILE A 210 2.32 -0.25 13.29
N VAL A 211 2.25 -0.49 14.61
CA VAL A 211 1.03 -1.04 15.19
C VAL A 211 -0.14 -0.07 15.01
N ALA A 212 0.09 1.21 15.31
CA ALA A 212 -0.97 2.20 15.16
C ALA A 212 -1.40 2.32 13.71
N ALA A 213 -0.44 2.30 12.78
CA ALA A 213 -0.78 2.37 11.37
C ALA A 213 -1.64 1.18 10.96
N ALA A 214 -1.28 -0.02 11.42
CA ALA A 214 -2.05 -1.21 11.07
C ALA A 214 -3.47 -1.12 11.63
N GLU A 215 -3.60 -0.70 12.88
CA GLU A 215 -4.93 -0.59 13.47
C GLU A 215 -5.77 0.41 12.71
N PHE A 216 -5.22 1.58 12.40
CA PHE A 216 -5.97 2.59 11.66
C PHE A 216 -6.35 2.08 10.28
N ALA A 217 -5.42 1.39 9.61
CA ALA A 217 -5.70 0.89 8.26
C ALA A 217 -6.84 -0.11 8.29
N LYS A 218 -6.84 -1.01 9.27
CA LYS A 218 -7.93 -1.98 9.36
C LYS A 218 -9.24 -1.29 9.69
N ALA A 219 -9.21 -0.26 10.54
CA ALA A 219 -10.45 0.38 10.96
C ALA A 219 -11.17 1.04 9.79
N ASN A 220 -10.42 1.69 8.89
CA ASN A 220 -11.00 2.54 7.86
C ASN A 220 -10.91 1.94 6.46
N TYR A 221 -10.76 0.63 6.34
CA TYR A 221 -10.72 -0.04 5.05
C TYR A 221 -9.57 0.47 4.19
N LYS A 222 -8.37 0.40 4.74
CA LYS A 222 -7.14 0.66 4.02
C LYS A 222 -6.19 -0.52 4.21
N LEU A 223 -5.27 -0.69 3.28
CA LEU A 223 -4.33 -1.81 3.29
C LEU A 223 -2.96 -1.29 3.70
N HIS A 224 -2.40 -1.86 4.75
CA HIS A 224 -1.14 -1.40 5.30
C HIS A 224 0.01 -2.26 4.79
N ILE A 225 1.10 -1.60 4.40
CA ILE A 225 2.28 -2.27 3.87
C ILE A 225 3.50 -1.70 4.57
N TYR A 226 4.39 -2.58 5.02
CA TYR A 226 5.58 -2.17 5.75
C TYR A 226 6.71 -3.15 5.52
N ASN A 227 7.93 -2.66 5.73
CA ASN A 227 9.14 -3.47 5.68
C ASN A 227 9.96 -3.23 6.95
N SER A 228 10.80 -4.19 7.28
CA SER A 228 11.59 -4.07 8.50
C SER A 228 12.88 -4.87 8.32
N THR A 229 13.95 -4.38 8.95
CA THR A 229 15.24 -5.06 8.92
C THR A 229 15.49 -5.90 10.17
N ASP A 230 14.50 -6.01 11.07
CA ASP A 230 14.69 -6.75 12.30
C ASP A 230 15.27 -8.13 12.02
N VAL A 231 16.47 -8.38 12.56
CA VAL A 231 17.06 -9.71 12.44
C VAL A 231 16.18 -10.75 13.10
N ASP A 232 15.36 -10.34 14.07
CA ASP A 232 14.47 -11.25 14.77
C ASP A 232 13.34 -11.76 13.88
N ALA A 233 13.14 -11.17 12.70
CA ALA A 233 12.06 -11.63 11.83
C ALA A 233 12.20 -13.10 11.50
N TYR A 234 13.44 -13.60 11.41
CA TYR A 234 13.70 -15.00 11.14
C TYR A 234 14.46 -15.68 12.28
N ALA A 235 14.22 -15.24 13.52
CA ALA A 235 14.80 -15.87 14.70
C ALA A 235 14.21 -17.28 14.85
N PRO A 236 14.68 -18.07 15.80
CA PRO A 236 14.11 -19.42 15.97
C PRO A 236 12.60 -19.36 16.18
N GLU A 237 11.98 -20.53 16.15
CA GLU A 237 10.52 -20.62 16.12
C GLU A 237 9.87 -20.12 17.40
N ASN A 238 10.65 -19.93 18.45
CA ASN A 238 10.12 -19.51 19.74
C ASN A 238 10.46 -18.08 20.12
N SER A 239 11.00 -17.28 19.21
CA SER A 239 11.42 -15.93 19.58
C SER A 239 10.25 -15.10 20.07
N ALA A 240 9.18 -15.01 19.29
CA ALA A 240 8.00 -14.25 19.66
C ALA A 240 8.37 -12.86 20.18
N ALA A 241 9.26 -12.18 19.45
CA ALA A 241 9.73 -10.87 19.87
C ALA A 241 9.74 -9.82 18.77
N SER A 242 9.60 -10.21 17.51
CA SER A 242 9.63 -9.25 16.42
C SER A 242 8.26 -8.61 16.23
N VAL A 243 8.22 -7.56 15.41
CA VAL A 243 6.96 -6.90 15.10
C VAL A 243 6.00 -7.88 14.44
N PHE A 244 6.53 -8.77 13.61
CA PHE A 244 5.67 -9.71 12.89
C PHE A 244 4.88 -10.58 13.86
N ASP A 245 5.54 -11.06 14.92
CA ASP A 245 4.85 -11.89 15.90
C ASP A 245 3.72 -11.10 16.57
N THR A 246 3.99 -9.87 16.96
CA THR A 246 2.97 -9.06 17.63
C THR A 246 1.78 -8.85 16.70
N LEU A 247 2.04 -8.51 15.43
CA LEU A 247 0.94 -8.32 14.49
C LEU A 247 0.15 -9.60 14.28
N LYS A 248 0.84 -10.74 14.16
CA LYS A 248 0.13 -12.00 13.99
C LYS A 248 -0.76 -12.30 15.18
N SER A 249 -0.26 -12.05 16.39
CA SER A 249 -1.06 -12.36 17.58
C SER A 249 -2.35 -11.56 17.61
N LEU A 250 -2.33 -10.34 17.06
CA LEU A 250 -3.51 -9.48 17.09
C LEU A 250 -4.46 -9.73 15.93
N SER A 251 -4.09 -10.58 14.97
CA SER A 251 -4.98 -10.95 13.87
C SER A 251 -5.25 -9.76 12.93
N TYR A 252 -4.40 -8.75 12.97
CA TYR A 252 -4.53 -7.62 12.07
C TYR A 252 -4.19 -8.04 10.64
N ASP A 253 -4.71 -7.28 9.68
CA ASP A 253 -4.49 -7.56 8.26
C ASP A 253 -3.50 -6.54 7.71
N SER A 254 -2.22 -6.88 7.74
CA SER A 254 -1.18 -6.05 7.18
C SER A 254 -0.20 -6.93 6.42
N LEU A 255 0.39 -6.38 5.36
CA LEU A 255 1.36 -7.09 4.56
C LEU A 255 2.76 -6.65 4.96
N GLY A 256 3.59 -7.61 5.36
CA GLY A 256 4.93 -7.30 5.80
C GLY A 256 5.94 -8.19 5.10
N THR A 257 7.17 -7.69 5.02
CA THR A 257 8.25 -8.42 4.39
C THR A 257 9.56 -8.08 5.08
N SER A 258 10.49 -9.02 5.04
CA SER A 258 11.81 -8.84 5.63
C SER A 258 12.81 -8.53 4.52
N ASP A 259 13.49 -7.40 4.66
CA ASP A 259 14.42 -6.95 3.64
C ASP A 259 15.56 -6.20 4.32
N ALA A 260 16.72 -6.18 3.66
CA ALA A 260 17.89 -5.52 4.20
C ALA A 260 17.90 -4.02 3.93
N GLY A 261 17.40 -3.59 2.78
CA GLY A 261 17.40 -2.18 2.44
C GLY A 261 16.19 -1.41 2.90
N ALA A 262 15.30 -2.03 3.67
CA ALA A 262 14.06 -1.36 4.06
C ALA A 262 14.32 -0.06 4.82
N ASP A 263 15.45 0.05 5.50
CA ASP A 263 15.81 1.27 6.21
C ASP A 263 16.70 2.17 5.37
N VAL A 264 16.98 1.81 4.12
CA VAL A 264 17.93 2.52 3.29
C VAL A 264 17.23 2.99 2.02
N ASP A 265 16.47 2.09 1.39
CA ASP A 265 15.80 2.40 0.13
C ASP A 265 14.29 2.45 0.24
N PHE A 266 13.71 2.04 1.37
CA PHE A 266 12.25 2.05 1.53
C PHE A 266 11.59 1.32 0.37
N THR A 267 11.88 0.03 0.25
CA THR A 267 11.38 -0.77 -0.85
C THR A 267 9.88 -0.95 -0.84
N GLU A 268 9.18 -0.42 0.18
CA GLU A 268 7.72 -0.51 0.23
C GLU A 268 7.13 -0.17 -1.13
N GLY A 269 7.71 0.83 -1.81
CA GLY A 269 7.19 1.21 -3.11
C GLY A 269 7.24 0.08 -4.12
N SER A 270 8.30 -0.73 -4.06
CA SER A 270 8.43 -1.83 -5.01
C SER A 270 7.28 -2.81 -4.88
N VAL A 271 6.88 -3.14 -3.64
CA VAL A 271 5.78 -4.08 -3.45
C VAL A 271 4.49 -3.52 -4.05
N ILE A 272 4.21 -2.24 -3.81
CA ILE A 272 3.01 -1.64 -4.36
C ILE A 272 3.06 -1.61 -5.88
N GLY A 273 4.24 -1.36 -6.44
CA GLY A 273 4.35 -1.20 -7.88
C GLY A 273 4.04 -2.44 -8.69
N ALA A 274 3.96 -3.60 -8.05
CA ALA A 274 3.71 -4.84 -8.77
C ALA A 274 2.24 -5.20 -8.88
N MET A 275 1.36 -4.55 -8.12
CA MET A 275 -0.06 -4.89 -8.13
C MET A 275 -0.96 -3.65 -8.19
N ALA A 276 -0.37 -2.46 -8.11
CA ALA A 276 -1.18 -1.26 -8.00
C ALA A 276 -2.10 -1.08 -9.20
N ALA A 277 -1.59 -1.29 -10.40
CA ALA A 277 -2.35 -1.04 -11.62
C ALA A 277 -3.15 -2.25 -12.09
N ASN A 278 -3.13 -3.34 -11.33
CA ASN A 278 -3.88 -4.54 -11.69
C ASN A 278 -5.20 -4.52 -10.94
N ASP A 279 -6.31 -4.49 -11.69
CA ASP A 279 -7.61 -4.35 -11.07
C ASP A 279 -7.93 -5.56 -10.20
N PRO A 280 -8.65 -5.37 -9.10
CA PRO A 280 -8.95 -6.51 -8.21
C PRO A 280 -9.78 -7.59 -8.87
N SER A 281 -10.45 -7.26 -9.97
CA SER A 281 -11.33 -8.23 -10.61
C SER A 281 -10.58 -9.47 -11.09
N TYR A 282 -9.27 -9.40 -11.26
CA TYR A 282 -8.50 -10.54 -11.75
C TYR A 282 -8.11 -11.51 -10.64
N GLY A 283 -7.94 -11.04 -9.41
CA GLY A 283 -7.50 -11.92 -8.35
C GLY A 283 -6.11 -12.48 -8.62
N ASP A 284 -5.19 -11.65 -9.06
CA ASP A 284 -3.83 -12.09 -9.41
C ASP A 284 -2.92 -11.96 -8.19
N SER A 285 -2.48 -13.12 -7.70
CA SER A 285 -1.63 -13.16 -6.52
C SER A 285 -0.26 -12.55 -6.81
N LEU A 286 0.48 -12.28 -5.73
CA LEU A 286 1.82 -11.70 -5.84
C LEU A 286 2.92 -12.76 -5.89
N HIS A 287 2.57 -14.04 -6.06
CA HIS A 287 3.53 -15.11 -5.84
C HIS A 287 4.87 -14.85 -6.52
N LEU A 288 4.88 -14.78 -7.85
CA LEU A 288 6.12 -14.85 -8.61
C LEU A 288 6.50 -13.53 -9.28
N LYS A 289 5.75 -12.46 -9.05
CA LYS A 289 6.03 -11.21 -9.73
C LYS A 289 7.38 -10.65 -9.30
N THR A 290 8.17 -10.23 -10.28
CA THR A 290 9.49 -9.67 -10.03
C THR A 290 9.36 -8.25 -9.50
N MET A 291 10.30 -7.85 -8.65
CA MET A 291 10.21 -6.62 -7.87
C MET A 291 11.49 -5.82 -8.05
N PRO A 292 11.59 -5.04 -9.12
CA PRO A 292 12.78 -4.21 -9.33
C PRO A 292 13.02 -3.30 -8.13
N GLY A 293 14.27 -3.24 -7.69
CA GLY A 293 14.67 -2.45 -6.54
C GLY A 293 14.96 -3.26 -5.30
N MET A 294 14.46 -4.50 -5.22
CA MET A 294 14.69 -5.34 -4.07
C MET A 294 15.85 -6.30 -4.32
N VAL A 295 16.57 -6.64 -3.26
CA VAL A 295 17.72 -7.53 -3.33
C VAL A 295 17.27 -8.91 -2.86
N PRO A 296 17.64 -9.99 -3.55
CA PRO A 296 17.21 -11.32 -3.12
C PRO A 296 17.65 -11.63 -1.70
N PHE A 297 16.78 -12.32 -0.96
CA PHE A 297 17.10 -12.70 0.41
C PHE A 297 18.30 -13.63 0.43
N ALA A 298 19.21 -13.40 1.37
CA ALA A 298 20.38 -14.24 1.56
C ALA A 298 20.30 -14.87 2.95
N GLY A 299 20.20 -16.20 3.00
CA GLY A 299 20.10 -16.89 4.27
C GLY A 299 20.02 -18.38 4.05
N SER A 300 20.18 -19.11 5.15
CA SER A 300 20.18 -20.56 5.12
C SER A 300 18.74 -21.08 4.98
N ASP A 301 18.61 -22.39 4.88
CA ASP A 301 17.29 -23.00 4.77
C ASP A 301 16.47 -22.77 6.03
N THR A 302 17.11 -22.85 7.20
CA THR A 302 16.38 -22.67 8.44
C THR A 302 15.76 -21.28 8.53
N GLN A 303 16.47 -20.26 8.08
CA GLN A 303 15.95 -18.90 8.14
C GLN A 303 14.73 -18.72 7.25
N ARG A 304 14.74 -19.32 6.06
CA ARG A 304 13.60 -19.23 5.17
C ARG A 304 12.35 -19.87 5.75
N SER A 305 12.50 -20.89 6.61
CA SER A 305 11.36 -21.48 7.28
C SER A 305 10.92 -20.66 8.49
N ASN A 306 11.89 -20.16 9.25
CA ASN A 306 11.57 -19.30 10.38
C ASN A 306 10.78 -18.07 9.94
N ALA A 307 11.19 -17.42 8.85
CA ALA A 307 10.46 -16.26 8.35
C ALA A 307 9.07 -16.64 7.87
N TRP A 308 8.93 -17.79 7.21
CA TRP A 308 7.63 -18.20 6.70
C TRP A 308 6.68 -18.54 7.84
N SER A 309 7.21 -18.98 8.98
CA SER A 309 6.34 -19.34 10.09
C SER A 309 5.61 -18.13 10.65
N ARG A 310 6.21 -16.95 10.58
CA ARG A 310 5.62 -15.73 11.12
C ARG A 310 4.84 -14.93 10.08
N ASN A 311 4.63 -15.47 8.88
CA ASN A 311 3.99 -14.75 7.80
C ASN A 311 4.79 -13.53 7.37
N ALA A 312 6.11 -13.55 7.61
CA ALA A 312 6.99 -12.49 7.12
C ALA A 312 7.45 -12.88 5.72
N ASN A 313 6.83 -12.28 4.71
CA ASN A 313 7.10 -12.67 3.33
C ASN A 313 8.56 -12.41 2.99
N ILE A 314 9.07 -13.22 2.07
CA ILE A 314 10.49 -13.23 1.72
C ILE A 314 10.62 -13.13 0.21
N TYR A 315 11.60 -12.35 -0.25
CA TYR A 315 11.92 -12.23 -1.66
C TYR A 315 13.15 -13.09 -1.95
N ARG A 316 12.95 -14.17 -2.69
CA ARG A 316 13.97 -15.19 -2.90
C ARG A 316 14.34 -15.27 -4.38
N GLY A 317 15.62 -15.52 -4.63
CA GLY A 317 16.06 -15.71 -6.00
C GLY A 317 15.88 -17.15 -6.45
N LEU A 318 15.51 -17.31 -7.72
CA LEU A 318 15.27 -18.63 -8.28
C LEU A 318 15.68 -18.63 -9.74
N TYR A 319 16.44 -19.64 -10.14
CA TYR A 319 16.88 -19.78 -11.53
C TYR A 319 17.51 -18.48 -12.03
N GLY A 320 18.34 -17.87 -11.20
CA GLY A 320 19.01 -16.64 -11.56
C GLY A 320 18.21 -15.40 -11.25
N GLY A 321 16.95 -15.38 -11.66
CA GLY A 321 16.11 -14.23 -11.42
C GLY A 321 15.62 -14.16 -9.99
N GLY A 322 15.04 -13.00 -9.66
CA GLY A 322 14.50 -12.75 -8.34
C GLY A 322 12.98 -12.72 -8.39
N SER A 323 12.36 -13.54 -7.54
CA SER A 323 10.92 -13.67 -7.51
C SER A 323 10.41 -13.60 -6.08
N TYR A 324 9.28 -12.91 -5.91
CA TYR A 324 8.60 -12.87 -4.62
C TYR A 324 8.18 -14.29 -4.28
N ILE A 325 7.67 -14.55 -3.08
CA ILE A 325 7.37 -15.91 -2.69
C ILE A 325 5.87 -16.11 -2.50
N GLU A 326 5.23 -15.26 -1.69
CA GLU A 326 3.83 -15.42 -1.38
C GLU A 326 3.31 -14.13 -0.79
N GLY A 327 2.01 -13.90 -0.94
CA GLY A 327 1.38 -12.78 -0.28
C GLY A 327 0.48 -13.23 0.85
N LYS A 328 0.96 -13.09 2.09
CA LYS A 328 0.18 -13.41 3.27
C LYS A 328 0.15 -12.22 4.21
N THR A 329 -1.04 -11.87 4.67
CA THR A 329 -1.19 -10.83 5.67
C THR A 329 -0.82 -11.38 7.05
N SER A 330 -0.87 -10.51 8.06
CA SER A 330 -0.54 -10.94 9.41
C SER A 330 -1.56 -11.94 9.95
N SER A 331 -2.79 -11.91 9.42
CA SER A 331 -3.83 -12.80 9.88
C SER A 331 -3.80 -14.16 9.19
N GLY A 332 -2.97 -14.33 8.16
CA GLY A 332 -2.83 -15.59 7.48
C GLY A 332 -3.53 -15.66 6.14
N GLN A 333 -4.46 -14.76 5.85
CA GLN A 333 -5.16 -14.80 4.57
C GLN A 333 -4.37 -14.07 3.50
N TYR A 334 -4.54 -14.50 2.26
CA TYR A 334 -3.81 -13.91 1.15
C TYR A 334 -4.32 -12.51 0.86
N VAL A 335 -3.41 -11.63 0.43
CA VAL A 335 -3.75 -10.22 0.28
C VAL A 335 -4.82 -10.04 -0.79
N ASP A 336 -4.69 -10.75 -1.92
CA ASP A 336 -5.64 -10.58 -3.00
C ASP A 336 -7.07 -10.86 -2.58
N VAL A 337 -7.29 -11.79 -1.65
CA VAL A 337 -8.65 -12.04 -1.15
C VAL A 337 -9.19 -10.79 -0.47
N ILE A 338 -8.36 -10.14 0.36
CA ILE A 338 -8.80 -8.95 1.06
C ILE A 338 -9.14 -7.84 0.06
N ARG A 339 -8.26 -7.66 -0.93
CA ARG A 339 -8.51 -6.63 -1.93
C ARG A 339 -9.81 -6.90 -2.68
N PHE A 340 -10.04 -8.17 -3.06
CA PHE A 340 -11.26 -8.52 -3.77
C PHE A 340 -12.49 -8.28 -2.91
N SER A 341 -12.41 -8.60 -1.62
CA SER A 341 -13.55 -8.39 -0.75
C SER A 341 -13.89 -6.91 -0.66
N HIS A 342 -12.89 -6.06 -0.47
CA HIS A 342 -13.17 -4.62 -0.43
C HIS A 342 -13.80 -4.16 -1.74
N TRP A 343 -13.23 -4.59 -2.87
CA TRP A 343 -13.74 -4.19 -4.17
C TRP A 343 -15.21 -4.57 -4.32
N VAL A 344 -15.54 -5.83 -4.04
CA VAL A 344 -16.92 -6.27 -4.24
C VAL A 344 -17.87 -5.54 -3.31
N LYS A 345 -17.48 -5.36 -2.04
CA LYS A 345 -18.37 -4.64 -1.12
C LYS A 345 -18.68 -3.24 -1.65
N PHE A 346 -17.63 -2.48 -1.99
CA PHE A 346 -17.86 -1.09 -2.37
C PHE A 346 -18.62 -0.98 -3.69
N ARG A 347 -18.34 -1.84 -4.67
CA ARG A 347 -19.03 -1.71 -5.95
C ARG A 347 -20.32 -2.52 -6.03
N MET A 348 -20.75 -3.17 -4.96
CA MET A 348 -22.17 -3.47 -4.85
C MET A 348 -22.92 -2.30 -4.21
N GLU A 349 -22.35 -1.73 -3.14
CA GLU A 349 -23.00 -0.60 -2.50
C GLU A 349 -23.26 0.53 -3.49
N GLU A 350 -22.21 0.94 -4.21
CA GLU A 350 -22.35 2.07 -5.12
C GLU A 350 -23.35 1.78 -6.23
N SER A 351 -23.29 0.57 -6.80
CA SER A 351 -24.19 0.22 -7.89
C SER A 351 -25.65 0.29 -7.45
N VAL A 352 -25.97 -0.33 -6.32
CA VAL A 352 -27.37 -0.34 -5.89
C VAL A 352 -27.84 1.08 -5.60
N PHE A 353 -27.03 1.86 -4.87
CA PHE A 353 -27.47 3.22 -4.54
C PHE A 353 -27.66 4.05 -5.80
N ALA A 354 -26.73 3.94 -6.75
CA ALA A 354 -26.85 4.72 -7.98
C ALA A 354 -28.10 4.35 -8.75
N TYR A 355 -28.41 3.05 -8.84
CA TYR A 355 -29.63 2.67 -9.54
C TYR A 355 -30.86 3.24 -8.86
N MET A 356 -30.92 3.15 -7.53
CA MET A 356 -32.09 3.70 -6.83
C MET A 356 -32.22 5.19 -7.07
N LYS A 357 -31.12 5.94 -6.97
CA LYS A 357 -31.19 7.38 -7.17
C LYS A 357 -31.63 7.72 -8.59
N ARG A 358 -31.06 7.04 -9.59
CA ARG A 358 -31.41 7.34 -10.96
C ARG A 358 -32.87 7.02 -11.26
N ARG A 359 -33.41 5.93 -10.72
CA ARG A 359 -34.85 5.73 -10.88
C ARG A 359 -35.64 6.81 -10.17
N SER A 360 -35.24 7.19 -8.96
CA SER A 360 -36.00 8.16 -8.19
C SER A 360 -35.98 9.55 -8.79
N ASP A 361 -34.99 9.88 -9.61
CA ASP A 361 -34.95 11.20 -10.23
C ASP A 361 -35.94 11.36 -11.38
N MET A 362 -36.62 10.28 -11.80
CA MET A 362 -37.60 10.33 -12.86
C MET A 362 -39.00 9.96 -12.37
N GLY A 363 -39.30 10.24 -11.11
CA GLY A 363 -40.48 9.62 -10.52
C GLY A 363 -40.29 8.12 -10.58
N LEU A 364 -41.37 7.38 -10.76
CA LEU A 364 -41.30 5.95 -11.01
C LEU A 364 -40.39 5.23 -10.01
N SER A 365 -40.37 5.69 -8.77
CA SER A 365 -39.43 5.14 -7.79
C SER A 365 -39.58 3.64 -7.67
N MET A 366 -38.55 2.99 -7.13
CA MET A 366 -38.62 1.57 -6.88
C MET A 366 -39.78 1.26 -5.94
N LYS A 367 -40.50 0.19 -6.23
CA LYS A 367 -41.65 -0.21 -5.45
C LYS A 367 -41.50 -1.66 -5.02
N MET A 368 -41.97 -1.95 -3.81
CA MET A 368 -41.75 -3.24 -3.17
C MET A 368 -42.88 -4.19 -3.56
N SER A 369 -42.83 -4.62 -4.82
CA SER A 369 -43.82 -5.54 -5.36
C SER A 369 -43.10 -6.68 -6.07
N ASP A 370 -43.77 -7.83 -6.14
CA ASP A 370 -43.16 -9.00 -6.76
C ASP A 370 -42.73 -8.75 -8.19
N GLU A 371 -43.39 -7.81 -8.89
CA GLU A 371 -43.10 -7.52 -10.27
C GLU A 371 -41.95 -6.53 -10.44
N ASP A 372 -41.38 -6.03 -9.35
CA ASP A 372 -40.28 -5.06 -9.45
C ASP A 372 -39.06 -5.40 -8.61
N LEU A 373 -39.20 -6.13 -7.50
CA LEU A 373 -38.02 -6.52 -6.74
C LEU A 373 -37.01 -7.33 -7.55
N PRO A 374 -37.40 -8.30 -8.37
CA PRO A 374 -36.39 -9.08 -9.10
C PRO A 374 -35.46 -8.25 -9.95
N VAL A 375 -35.79 -6.99 -10.21
CA VAL A 375 -34.91 -6.14 -11.01
C VAL A 375 -33.54 -6.01 -10.34
N LEU A 376 -33.51 -6.02 -9.00
CA LEU A 376 -32.23 -5.94 -8.31
C LEU A 376 -31.29 -7.05 -8.76
N LYS A 377 -31.83 -8.21 -9.14
CA LYS A 377 -30.98 -9.30 -9.59
C LYS A 377 -30.20 -8.92 -10.83
N SER A 378 -30.83 -8.24 -11.79
CA SER A 378 -30.11 -7.82 -12.99
C SER A 378 -29.01 -6.83 -12.66
N VAL A 379 -29.29 -5.89 -11.74
CA VAL A 379 -28.31 -4.86 -11.42
C VAL A 379 -27.06 -5.50 -10.82
N LEU A 380 -27.22 -6.36 -9.82
CA LEU A 380 -26.07 -7.02 -9.23
C LEU A 380 -25.38 -7.96 -10.21
N MET A 381 -26.15 -8.70 -11.02
CA MET A 381 -25.53 -9.54 -12.02
C MET A 381 -24.66 -8.72 -12.97
N ASN A 382 -25.09 -7.52 -13.29
CA ASN A 382 -24.26 -6.57 -14.02
C ASN A 382 -23.22 -6.01 -13.07
N ASN A 383 -22.35 -5.13 -13.57
CA ASN A 383 -21.32 -4.47 -12.80
C ASN A 383 -20.50 -5.50 -12.00
N PRO A 384 -20.57 -5.60 -10.66
CA PRO A 384 -19.53 -6.39 -9.97
C PRO A 384 -19.42 -7.83 -10.45
N ILE A 385 -20.51 -8.59 -10.41
CA ILE A 385 -20.41 -10.04 -10.59
C ILE A 385 -19.98 -10.37 -12.02
N ASN A 386 -20.63 -9.77 -13.02
CA ASN A 386 -20.27 -10.08 -14.40
C ASN A 386 -18.84 -9.64 -14.72
N ILE A 387 -18.44 -8.48 -14.22
CA ILE A 387 -17.07 -8.02 -14.45
C ILE A 387 -16.08 -9.02 -13.84
N GLY A 388 -16.37 -9.49 -12.63
CA GLY A 388 -15.51 -10.50 -12.04
C GLY A 388 -15.46 -11.77 -12.85
N ILE A 389 -16.59 -12.24 -13.34
CA ILE A 389 -16.63 -13.49 -14.08
C ILE A 389 -15.84 -13.37 -15.38
N ARG A 390 -16.02 -12.27 -16.10
CA ARG A 390 -15.35 -12.12 -17.39
C ARG A 390 -13.84 -12.04 -17.22
N ASN A 391 -13.37 -11.39 -16.16
CA ASN A 391 -11.95 -11.24 -15.91
C ASN A 391 -11.33 -12.42 -15.19
N GLY A 392 -12.12 -13.43 -14.84
CA GLY A 392 -11.61 -14.63 -14.20
C GLY A 392 -11.55 -14.57 -12.68
N GLY A 393 -11.95 -13.47 -12.06
CA GLY A 393 -11.91 -13.39 -10.61
C GLY A 393 -12.87 -14.33 -9.93
N ILE A 394 -14.06 -14.52 -10.51
CA ILE A 394 -15.12 -15.31 -9.91
C ILE A 394 -15.30 -16.57 -10.74
N LEU A 395 -15.31 -17.72 -10.08
CA LEU A 395 -15.48 -19.00 -10.76
C LEU A 395 -16.91 -19.17 -11.23
N THR A 396 -17.07 -19.92 -12.32
CA THR A 396 -18.39 -20.21 -12.87
C THR A 396 -18.31 -21.49 -13.67
N GLY A 397 -19.47 -22.09 -13.90
CA GLY A 397 -19.58 -23.32 -14.63
C GLY A 397 -20.18 -24.44 -13.79
N TYR A 398 -20.56 -25.51 -14.48
CA TYR A 398 -21.21 -26.67 -13.87
C TYR A 398 -20.42 -27.91 -14.23
N ASP A 399 -20.12 -28.75 -13.23
CA ASP A 399 -19.39 -29.99 -13.46
C ASP A 399 -20.38 -31.11 -13.73
N THR A 400 -20.21 -31.81 -14.84
CA THR A 400 -21.12 -32.89 -15.20
C THR A 400 -20.85 -34.17 -14.41
N GLU A 401 -19.59 -34.47 -14.11
CA GLU A 401 -19.24 -35.73 -13.45
C GLU A 401 -19.59 -35.70 -11.97
N ASN A 402 -19.03 -34.75 -11.22
CA ASN A 402 -19.31 -34.65 -9.80
C ASN A 402 -20.61 -33.93 -9.49
N LYS A 403 -21.25 -33.33 -10.50
CA LYS A 403 -22.54 -32.68 -10.35
C LYS A 403 -22.52 -31.55 -9.34
N VAL A 404 -21.45 -30.76 -9.30
CA VAL A 404 -21.38 -29.58 -8.44
C VAL A 404 -21.54 -28.34 -9.29
N SER A 405 -22.25 -27.35 -8.75
CA SER A 405 -22.48 -26.09 -9.44
C SER A 405 -21.65 -24.98 -8.81
N TYR A 406 -21.01 -24.19 -9.66
CA TYR A 406 -20.13 -23.10 -9.21
C TYR A 406 -20.71 -21.72 -9.51
N ASP A 407 -21.88 -21.64 -10.11
CA ASP A 407 -22.40 -20.35 -10.52
C ASP A 407 -22.81 -19.51 -9.30
N PRO A 408 -22.68 -18.18 -9.40
CA PRO A 408 -23.18 -17.33 -8.31
C PRO A 408 -24.69 -17.48 -8.15
N THR A 409 -25.16 -17.32 -6.91
CA THR A 409 -26.57 -17.42 -6.60
C THR A 409 -27.00 -16.20 -5.80
N ILE A 410 -28.20 -15.70 -6.11
CA ILE A 410 -28.76 -14.53 -5.45
C ILE A 410 -30.16 -14.90 -4.99
N ILE A 411 -30.49 -14.58 -3.74
CA ILE A 411 -31.78 -14.91 -3.14
C ILE A 411 -32.47 -13.61 -2.74
N ILE A 412 -33.73 -13.45 -3.14
CA ILE A 412 -34.50 -12.27 -2.81
C ILE A 412 -35.90 -12.71 -2.36
N PRO A 413 -36.37 -12.27 -1.20
CA PRO A 413 -37.69 -12.71 -0.73
C PRO A 413 -38.82 -12.09 -1.52
N LYS A 414 -39.97 -12.77 -1.49
CA LYS A 414 -41.18 -12.24 -2.08
C LYS A 414 -41.89 -11.31 -1.10
N ARG A 415 -42.84 -10.53 -1.63
CA ARG A 415 -43.54 -9.57 -0.78
C ARG A 415 -44.27 -10.27 0.35
N ALA A 416 -44.95 -11.37 0.05
CA ALA A 416 -45.74 -12.06 1.06
C ALA A 416 -44.90 -12.54 2.25
N ASN A 417 -43.61 -12.76 2.05
CA ASN A 417 -42.76 -13.25 3.13
C ASN A 417 -42.18 -12.14 4.00
N ILE A 418 -42.23 -10.90 3.55
CA ILE A 418 -41.68 -9.79 4.33
C ILE A 418 -42.63 -9.50 5.50
N PRO A 419 -42.13 -9.31 6.72
CA PRO A 419 -43.02 -8.97 7.83
C PRO A 419 -43.69 -7.63 7.60
N THR A 420 -44.90 -7.50 8.13
CA THR A 420 -45.70 -6.30 7.86
C THR A 420 -45.01 -5.03 8.32
N ASN A 421 -44.42 -5.05 9.52
CA ASN A 421 -43.74 -3.85 10.01
C ASN A 421 -42.59 -3.43 9.10
N ASP A 422 -41.90 -4.36 8.47
CA ASP A 422 -40.91 -4.00 7.47
C ASP A 422 -41.53 -3.29 6.28
N LEU A 423 -42.69 -3.75 5.83
CA LEU A 423 -43.39 -3.03 4.77
C LEU A 423 -43.75 -1.62 5.23
N ALA A 424 -44.24 -1.48 6.46
CA ALA A 424 -44.61 -0.16 6.96
C ALA A 424 -43.40 0.77 6.99
N ALA A 425 -42.26 0.26 7.45
CA ALA A 425 -41.04 1.05 7.48
C ALA A 425 -40.31 1.06 6.15
N ARG A 426 -40.74 0.25 5.19
CA ARG A 426 -40.12 0.20 3.87
C ARG A 426 -38.64 -0.14 3.96
N ILE A 427 -38.35 -1.32 4.49
CA ILE A 427 -36.97 -1.78 4.67
C ILE A 427 -36.87 -3.26 4.33
N LEU A 428 -36.03 -3.59 3.35
CA LEU A 428 -35.80 -4.98 2.97
C LEU A 428 -34.43 -5.42 3.49
N ARG A 429 -34.37 -6.60 4.12
CA ARG A 429 -33.18 -6.98 4.88
C ARG A 429 -32.48 -8.22 4.34
N ASP A 430 -33.23 -9.26 3.98
CA ASP A 430 -32.70 -10.61 3.92
C ASP A 430 -32.12 -10.98 2.56
N VAL A 431 -31.63 -10.01 1.79
CA VAL A 431 -30.95 -10.35 0.54
C VAL A 431 -29.66 -11.10 0.86
N LYS A 432 -29.41 -12.18 0.12
CA LYS A 432 -28.24 -13.01 0.33
C LYS A 432 -27.57 -13.31 -1.00
N VAL A 433 -26.25 -13.44 -0.98
CA VAL A 433 -25.46 -13.71 -2.17
C VAL A 433 -24.33 -14.65 -1.81
N GLU A 434 -23.89 -15.44 -2.79
CA GLU A 434 -22.79 -16.37 -2.59
C GLU A 434 -21.87 -16.34 -3.81
N LEU A 435 -20.57 -16.40 -3.56
CA LEU A 435 -19.56 -16.33 -4.61
C LEU A 435 -18.51 -17.39 -4.34
N VAL A 436 -17.83 -17.82 -5.41
CA VAL A 436 -16.74 -18.79 -5.31
C VAL A 436 -15.49 -18.11 -5.88
N TYR A 437 -14.59 -17.68 -5.00
CA TYR A 437 -13.36 -17.04 -5.44
C TYR A 437 -12.48 -18.03 -6.18
N ASN A 438 -11.70 -17.53 -7.13
CA ASN A 438 -10.86 -18.38 -7.98
C ASN A 438 -9.43 -18.32 -7.45
N ASN A 439 -9.01 -19.39 -6.79
CA ASN A 439 -7.69 -19.45 -6.17
C ASN A 439 -6.63 -19.65 -7.25
N SER A 440 -5.60 -18.82 -7.23
CA SER A 440 -4.46 -19.03 -8.11
C SER A 440 -3.61 -20.18 -7.60
N LEU A 441 -2.70 -20.66 -8.45
CA LEU A 441 -1.88 -21.83 -8.13
C LEU A 441 -0.52 -21.39 -7.63
N HIS A 442 -0.08 -21.98 -6.52
CA HIS A 442 1.19 -21.61 -5.91
C HIS A 442 2.25 -22.69 -6.01
N TYR A 443 1.89 -23.96 -5.81
CA TYR A 443 2.86 -25.04 -5.77
C TYR A 443 2.35 -26.22 -6.59
N VAL A 444 3.28 -27.01 -7.12
CA VAL A 444 2.95 -28.18 -7.92
C VAL A 444 3.90 -29.31 -7.54
N LYS A 445 3.37 -30.54 -7.55
CA LYS A 445 4.16 -31.73 -7.32
C LYS A 445 3.78 -32.78 -8.37
N ILE A 446 4.80 -33.45 -8.91
CA ILE A 446 4.61 -34.36 -10.03
C ILE A 446 5.27 -35.69 -9.71
N ARG A 447 4.63 -36.77 -10.16
CA ARG A 447 5.18 -38.12 -10.06
C ARG A 447 5.35 -38.67 -11.46
N ALA A 448 6.58 -39.03 -11.81
CA ALA A 448 6.90 -39.63 -13.10
C ALA A 448 7.29 -41.08 -12.90
N SER A 449 7.33 -41.82 -14.01
CA SER A 449 7.71 -43.22 -13.97
C SER A 449 8.15 -43.66 -15.36
N VAL A 450 9.01 -44.67 -15.39
CA VAL A 450 9.51 -45.25 -16.62
C VAL A 450 9.29 -46.75 -16.58
N VAL A 451 8.70 -47.30 -17.64
CA VAL A 451 8.36 -48.71 -17.70
C VAL A 451 8.81 -49.27 -19.04
N LEU A 452 8.93 -50.60 -19.09
CA LEU A 452 9.34 -51.30 -20.29
C LEU A 452 8.18 -51.88 -21.08
N ASP A 453 7.05 -52.15 -20.43
CA ASP A 453 5.93 -52.78 -21.11
C ASP A 453 4.66 -52.54 -20.29
N ARG A 454 3.54 -53.04 -20.81
CA ARG A 454 2.25 -52.91 -20.16
C ARG A 454 1.50 -54.21 -20.34
N PRO A 455 0.92 -54.78 -19.26
CA PRO A 455 0.11 -55.99 -19.42
C PRO A 455 -0.91 -55.89 -20.56
#